data_8SIH
#
_entry.id   8SIH
#
_cell.length_a   86.582
_cell.length_b   86.582
_cell.length_c   136.026
_cell.angle_alpha   90.00
_cell.angle_beta   90.00
_cell.angle_gamma   120.00
#
_symmetry.space_group_name_H-M   'P 32 2 1'
#
loop_
_entity.id
_entity.type
_entity.pdbx_description
1 polymer 'Histone-arginine methyltransferase CARM1'
2 non-polymer "5'-{[2-(benzylcarbamamido)ethyl][3-(N'-cyclopentylcarbamimidamido)propyl]amino}-5'-deoxyadenosine"
3 non-polymer 'CALCIUM ION'
4 water water
#
_entity_poly.entity_id   1
_entity_poly.type   'polypeptide(L)'
_entity_poly.pdbx_seq_one_letter_code
;MHHHHHHSSGRENLYFQGRTEESSAVQYFQFYGYLSQQQNMMQDYVRTGTYQRAILQNHTDFKDKIVLDVGCGSGILSFF
AAQAGARKIYAVEASTMAQHAEVLVKSNNLTDRIVVIPGKVEEVSLPEQVDIIISEPMGYMLFNERMLESYLHAKKYLKP
SGNMFPTIGDVHLAPFTDEQLYMEQFTKANFWYQPSFHGVDLSALRGAAVDEYFRQPVVDTFDIRILMAKSVKYTVNFLE
AKEGDLHRIEIPFKFHMLHSGLVHGLAFWFDVAFIGSIMTVWLSTAPTEPLTHWYQVRCLFQSPLFAKAGDTLSGTCLLI
ANKRQSYDISIVAQVDQTGSKSSNLLDLKNPFFRYTGTT
;
_entity_poly.pdbx_strand_id   A
#
loop_
_chem_comp.id
_chem_comp.type
_chem_comp.name
_chem_comp.formula
CA non-polymer 'CALCIUM ION' 'Ca 2'
I1K non-polymer 5'-{[2-(benzylcarbamamido)ethyl][3-(N'-cyclopentylcarbamimidamido)propyl]amino}-5'-deoxyadenosine 'C29 H43 N11 O4'
#
# COMPACT_ATOMS: atom_id res chain seq x y z
N ALA A 25 9.99 9.49 -12.88
CA ALA A 25 8.80 8.96 -13.63
C ALA A 25 9.26 8.01 -14.75
N VAL A 26 10.36 8.35 -15.44
CA VAL A 26 11.06 7.45 -16.42
C VAL A 26 11.71 6.30 -15.64
N GLN A 27 12.01 6.51 -14.35
CA GLN A 27 12.60 5.50 -13.42
C GLN A 27 11.52 4.50 -12.98
N TYR A 28 10.27 4.96 -12.82
CA TYR A 28 9.12 4.18 -12.29
C TYR A 28 8.63 3.16 -13.35
N PHE A 29 8.54 3.57 -14.62
CA PHE A 29 8.04 2.75 -15.75
C PHE A 29 9.16 1.80 -16.24
N GLN A 30 10.43 2.21 -16.12
CA GLN A 30 11.60 1.31 -16.39
C GLN A 30 11.54 0.11 -15.42
N PHE A 31 11.44 0.38 -14.10
CA PHE A 31 11.41 -0.62 -13.00
C PHE A 31 10.26 -1.62 -13.15
N TYR A 32 9.12 -1.17 -13.70
CA TYR A 32 7.93 -2.04 -13.91
C TYR A 32 8.00 -2.70 -15.28
N GLY A 33 8.94 -2.23 -16.14
CA GLY A 33 9.28 -2.80 -17.46
C GLY A 33 9.96 -4.18 -17.38
N TYR A 34 10.40 -4.63 -16.20
CA TYR A 34 11.25 -5.86 -16.04
C TYR A 34 10.40 -7.08 -15.72
N LEU A 35 10.56 -8.11 -16.52
CA LEU A 35 9.92 -9.41 -16.35
C LEU A 35 10.28 -10.01 -14.99
N SER A 36 11.48 -9.74 -14.47
CA SER A 36 11.91 -10.20 -13.13
C SER A 36 11.02 -9.57 -12.05
N GLN A 37 10.63 -8.29 -12.20
CA GLN A 37 9.68 -7.62 -11.26
C GLN A 37 8.29 -8.30 -11.38
N GLN A 38 7.80 -8.53 -12.60
CA GLN A 38 6.48 -9.18 -12.80
C GLN A 38 6.51 -10.59 -12.20
N GLN A 39 7.61 -11.31 -12.37
CA GLN A 39 7.75 -12.67 -11.82
C GLN A 39 7.65 -12.59 -10.29
N ASN A 40 8.36 -11.64 -9.67
CA ASN A 40 8.48 -11.53 -8.20
C ASN A 40 7.08 -11.27 -7.64
N MET A 41 6.30 -10.45 -8.35
CA MET A 41 4.93 -10.06 -7.93
C MET A 41 3.97 -11.24 -8.12
N MET A 42 4.12 -11.98 -9.22
CA MET A 42 3.21 -13.14 -9.52
C MET A 42 3.48 -14.26 -8.53
N GLN A 43 4.69 -14.31 -7.97
CA GLN A 43 5.06 -15.35 -6.97
C GLN A 43 4.51 -14.98 -5.58
N ASP A 44 3.78 -13.86 -5.44
CA ASP A 44 3.00 -13.60 -4.21
C ASP A 44 1.70 -14.42 -4.34
N TYR A 45 1.66 -15.56 -3.66
CA TYR A 45 0.61 -16.60 -3.77
C TYR A 45 -0.72 -16.02 -3.31
N VAL A 46 -0.74 -15.28 -2.20
CA VAL A 46 -1.97 -14.66 -1.64
C VAL A 46 -2.48 -13.63 -2.66
N ARG A 47 -1.62 -12.76 -3.18
CA ARG A 47 -2.02 -11.71 -4.14
C ARG A 47 -2.65 -12.36 -5.37
N THR A 48 -1.96 -13.31 -6.02
CA THR A 48 -2.41 -13.93 -7.28
C THR A 48 -3.70 -14.72 -7.04
N GLY A 49 -3.74 -15.56 -6.03
CA GLY A 49 -4.88 -16.46 -5.77
C GLY A 49 -6.13 -15.69 -5.36
N THR A 50 -5.95 -14.59 -4.62
CA THR A 50 -7.09 -13.82 -4.08
C THR A 50 -7.80 -13.11 -5.24
N TYR A 51 -7.05 -12.46 -6.12
CA TYR A 51 -7.57 -11.81 -7.35
C TYR A 51 -8.29 -12.85 -8.24
N GLN A 52 -7.74 -14.05 -8.43
CA GLN A 52 -8.37 -15.05 -9.30
C GLN A 52 -9.71 -15.43 -8.68
N ARG A 53 -9.73 -15.62 -7.36
CA ARG A 53 -10.92 -16.07 -6.61
C ARG A 53 -11.98 -14.97 -6.63
N ALA A 54 -11.58 -13.71 -6.46
CA ALA A 54 -12.50 -12.55 -6.46
C ALA A 54 -13.23 -12.46 -7.80
N ILE A 55 -12.46 -12.58 -8.89
CA ILE A 55 -12.96 -12.38 -10.28
C ILE A 55 -13.81 -13.60 -10.68
N LEU A 56 -13.44 -14.81 -10.29
CA LEU A 56 -14.06 -16.04 -10.81
C LEU A 56 -15.22 -16.51 -9.93
N GLN A 57 -15.22 -16.27 -8.62
CA GLN A 57 -16.42 -16.52 -7.79
C GLN A 57 -17.51 -15.51 -8.16
N ASN A 58 -17.13 -14.36 -8.75
CA ASN A 58 -18.06 -13.30 -9.23
C ASN A 58 -18.08 -13.27 -10.78
N HIS A 59 -18.00 -14.42 -11.44
CA HIS A 59 -17.89 -14.51 -12.92
C HIS A 59 -19.12 -13.89 -13.60
N THR A 60 -20.33 -13.94 -13.00
CA THR A 60 -21.57 -13.36 -13.62
C THR A 60 -21.41 -11.86 -13.79
N ASP A 61 -20.55 -11.23 -12.98
CA ASP A 61 -20.27 -9.77 -13.07
C ASP A 61 -19.35 -9.48 -14.25
N PHE A 62 -18.77 -10.52 -14.87
CA PHE A 62 -17.81 -10.36 -16.00
C PHE A 62 -18.43 -10.94 -17.29
N LYS A 63 -19.24 -11.98 -17.17
CA LYS A 63 -19.91 -12.68 -18.31
C LYS A 63 -20.41 -11.64 -19.32
N ASP A 64 -19.82 -11.61 -20.51
CA ASP A 64 -20.26 -10.80 -21.68
C ASP A 64 -20.17 -9.31 -21.36
N LYS A 65 -19.33 -8.91 -20.42
CA LYS A 65 -19.16 -7.49 -20.05
C LYS A 65 -17.92 -6.91 -20.73
N ILE A 66 -17.77 -5.60 -20.59
CA ILE A 66 -16.63 -4.79 -21.06
C ILE A 66 -15.81 -4.42 -19.82
N VAL A 67 -14.48 -4.56 -19.89
CA VAL A 67 -13.57 -4.49 -18.70
C VAL A 67 -12.40 -3.59 -19.07
N LEU A 68 -12.01 -2.72 -18.15
CA LEU A 68 -10.77 -1.92 -18.23
C LEU A 68 -9.82 -2.45 -17.17
N ASP A 69 -8.62 -2.89 -17.60
CA ASP A 69 -7.53 -3.39 -16.72
C ASP A 69 -6.46 -2.29 -16.69
N VAL A 70 -6.36 -1.59 -15.57
CA VAL A 70 -5.53 -0.36 -15.39
C VAL A 70 -4.16 -0.75 -14.82
N GLY A 71 -3.07 -0.43 -15.51
CA GLY A 71 -1.72 -0.87 -15.10
C GLY A 71 -1.66 -2.38 -15.11
N CYS A 72 -1.94 -2.97 -16.27
CA CYS A 72 -2.20 -4.42 -16.43
C CYS A 72 -0.90 -5.24 -16.22
N GLY A 73 0.27 -4.61 -16.34
CA GLY A 73 1.56 -5.32 -16.35
C GLY A 73 1.56 -6.44 -17.39
N SER A 74 1.78 -7.70 -16.98
CA SER A 74 1.92 -8.86 -17.88
C SER A 74 0.54 -9.25 -18.45
N GLY A 75 -0.55 -8.84 -17.78
CA GLY A 75 -1.93 -8.95 -18.28
C GLY A 75 -2.77 -10.00 -17.53
N ILE A 76 -2.25 -10.55 -16.45
CA ILE A 76 -2.86 -11.73 -15.77
C ILE A 76 -4.33 -11.45 -15.41
N LEU A 77 -4.66 -10.25 -14.92
CA LEU A 77 -6.05 -9.90 -14.52
C LEU A 77 -6.96 -9.84 -15.75
N SER A 78 -6.46 -9.37 -16.88
CA SER A 78 -7.20 -9.44 -18.16
C SER A 78 -7.52 -10.90 -18.50
N PHE A 79 -6.55 -11.81 -18.34
CA PHE A 79 -6.76 -13.27 -18.54
C PHE A 79 -7.82 -13.78 -17.57
N PHE A 80 -7.83 -13.32 -16.32
CA PHE A 80 -8.83 -13.78 -15.33
C PHE A 80 -10.22 -13.31 -15.80
N ALA A 81 -10.33 -12.05 -16.24
CA ALA A 81 -11.54 -11.45 -16.81
C ALA A 81 -12.04 -12.34 -17.96
N ALA A 82 -11.12 -12.79 -18.81
CA ALA A 82 -11.44 -13.65 -19.98
C ALA A 82 -11.92 -15.01 -19.50
N GLN A 83 -11.29 -15.57 -18.46
CA GLN A 83 -11.71 -16.87 -17.88
C GLN A 83 -13.16 -16.78 -17.43
N ALA A 84 -13.61 -15.58 -17.07
CA ALA A 84 -14.94 -15.30 -16.49
C ALA A 84 -15.96 -14.96 -17.60
N GLY A 85 -15.53 -14.87 -18.85
CA GLY A 85 -16.42 -14.75 -20.03
C GLY A 85 -16.53 -13.32 -20.56
N ALA A 86 -15.67 -12.39 -20.12
CA ALA A 86 -15.78 -10.98 -20.56
C ALA A 86 -15.78 -10.94 -22.10
N ARG A 87 -16.50 -10.00 -22.68
CA ARG A 87 -16.61 -9.88 -24.15
C ARG A 87 -15.37 -9.16 -24.64
N LYS A 88 -15.03 -8.03 -24.03
CA LYS A 88 -13.89 -7.18 -24.45
C LYS A 88 -13.21 -6.67 -23.18
N ILE A 89 -11.88 -6.74 -23.16
CA ILE A 89 -11.02 -6.28 -22.02
C ILE A 89 -9.96 -5.34 -22.58
N TYR A 90 -9.98 -4.08 -22.13
CA TYR A 90 -8.94 -3.08 -22.48
C TYR A 90 -7.88 -3.08 -21.37
N ALA A 91 -6.67 -3.46 -21.73
CA ALA A 91 -5.53 -3.63 -20.81
C ALA A 91 -4.56 -2.49 -21.07
N VAL A 92 -4.52 -1.55 -20.17
CA VAL A 92 -3.73 -0.31 -20.31
C VAL A 92 -2.49 -0.44 -19.44
N GLU A 93 -1.32 -0.17 -20.01
CA GLU A 93 0.00 -0.32 -19.35
C GLU A 93 0.98 0.71 -19.94
N ALA A 94 1.55 1.56 -19.09
CA ALA A 94 2.38 2.71 -19.47
C ALA A 94 3.84 2.29 -19.70
N SER A 95 4.29 1.16 -19.15
CA SER A 95 5.69 0.68 -19.26
C SER A 95 5.81 -0.22 -20.49
N THR A 96 7.04 -0.55 -20.87
CA THR A 96 7.36 -1.48 -22.01
C THR A 96 6.89 -2.92 -21.66
N MET A 97 6.37 -3.16 -20.45
CA MET A 97 5.68 -4.42 -20.08
C MET A 97 4.49 -4.62 -21.00
N ALA A 98 3.98 -3.54 -21.59
CA ALA A 98 2.83 -3.57 -22.55
C ALA A 98 3.15 -4.55 -23.68
N GLN A 99 4.33 -4.44 -24.30
CA GLN A 99 4.68 -5.25 -25.48
C GLN A 99 4.81 -6.73 -25.07
N HIS A 100 5.10 -7.04 -23.80
CA HIS A 100 5.15 -8.43 -23.30
C HIS A 100 3.73 -8.95 -23.07
N ALA A 101 2.81 -8.11 -22.57
CA ALA A 101 1.39 -8.50 -22.40
C ALA A 101 0.82 -8.91 -23.77
N GLU A 102 1.14 -8.11 -24.81
CA GLU A 102 0.69 -8.31 -26.20
C GLU A 102 1.15 -9.69 -26.64
N VAL A 103 2.37 -10.09 -26.30
CA VAL A 103 2.92 -11.41 -26.70
C VAL A 103 2.07 -12.52 -26.07
N LEU A 104 1.68 -12.37 -24.80
CA LEU A 104 0.90 -13.43 -24.10
C LEU A 104 -0.52 -13.49 -24.64
N VAL A 105 -1.10 -12.35 -25.02
CA VAL A 105 -2.47 -12.27 -25.59
C VAL A 105 -2.48 -13.07 -26.91
N LYS A 106 -1.57 -12.77 -27.84
CA LYS A 106 -1.40 -13.56 -29.09
C LYS A 106 -1.21 -15.04 -28.76
N SER A 107 -0.38 -15.40 -27.78
CA SER A 107 0.03 -16.82 -27.58
C SER A 107 -1.05 -17.59 -26.84
N ASN A 108 -1.91 -16.90 -26.10
CA ASN A 108 -3.11 -17.52 -25.45
C ASN A 108 -4.38 -17.37 -26.35
N ASN A 109 -4.25 -16.88 -27.60
CA ASN A 109 -5.32 -16.88 -28.65
C ASN A 109 -6.51 -16.02 -28.19
N LEU A 110 -6.27 -14.76 -27.85
CA LEU A 110 -7.28 -13.86 -27.23
C LEU A 110 -7.18 -12.45 -27.82
N THR A 111 -6.66 -12.29 -29.04
CA THR A 111 -6.51 -10.95 -29.70
C THR A 111 -7.88 -10.31 -29.99
N ASP A 112 -8.93 -11.11 -30.15
CA ASP A 112 -10.30 -10.60 -30.41
C ASP A 112 -10.90 -10.02 -29.13
N ARG A 113 -10.42 -10.46 -27.97
CA ARG A 113 -11.05 -10.20 -26.65
C ARG A 113 -10.18 -9.29 -25.78
N ILE A 114 -8.87 -9.46 -25.77
CA ILE A 114 -7.99 -8.57 -24.95
C ILE A 114 -7.29 -7.59 -25.90
N VAL A 115 -7.42 -6.30 -25.63
CA VAL A 115 -6.74 -5.23 -26.41
C VAL A 115 -5.79 -4.54 -25.46
N VAL A 116 -4.49 -4.66 -25.72
CA VAL A 116 -3.42 -3.98 -24.94
C VAL A 116 -3.26 -2.58 -25.53
N ILE A 117 -3.39 -1.56 -24.70
CA ILE A 117 -3.21 -0.15 -25.11
C ILE A 117 -2.00 0.38 -24.37
N PRO A 118 -0.85 0.56 -25.07
CA PRO A 118 0.35 1.14 -24.46
C PRO A 118 0.13 2.62 -24.16
N GLY A 119 0.38 3.04 -22.92
CA GLY A 119 0.33 4.44 -22.47
C GLY A 119 -0.30 4.59 -21.09
N LYS A 120 -0.32 5.81 -20.56
CA LYS A 120 -0.93 6.16 -19.24
C LYS A 120 -2.44 6.21 -19.42
N VAL A 121 -3.20 5.72 -18.45
CA VAL A 121 -4.69 5.68 -18.47
C VAL A 121 -5.25 7.11 -18.67
N GLU A 122 -4.46 8.13 -18.31
CA GLU A 122 -4.84 9.56 -18.39
C GLU A 122 -4.76 10.07 -19.84
N GLU A 123 -3.93 9.48 -20.70
CA GLU A 123 -3.53 10.04 -22.03
C GLU A 123 -4.09 9.21 -23.20
N VAL A 124 -4.64 8.02 -22.95
CA VAL A 124 -5.06 7.06 -24.01
C VAL A 124 -6.55 7.25 -24.33
N SER A 125 -6.98 6.71 -25.48
CA SER A 125 -8.40 6.65 -25.93
C SER A 125 -8.92 5.20 -25.88
N LEU A 126 -10.06 5.03 -25.22
CA LEU A 126 -10.94 3.84 -25.34
C LEU A 126 -12.12 4.20 -26.22
N PRO A 127 -12.55 3.33 -27.15
CA PRO A 127 -13.75 3.57 -27.94
C PRO A 127 -15.13 3.47 -27.25
N GLU A 128 -15.23 2.81 -26.09
CA GLU A 128 -16.53 2.61 -25.37
C GLU A 128 -16.28 2.64 -23.86
N GLN A 129 -17.33 2.98 -23.09
CA GLN A 129 -17.35 2.95 -21.61
C GLN A 129 -17.37 1.49 -21.15
N VAL A 130 -17.05 1.20 -19.88
CA VAL A 130 -16.86 -0.20 -19.41
C VAL A 130 -17.83 -0.50 -18.27
N ASP A 131 -18.13 -1.78 -18.08
CA ASP A 131 -18.98 -2.26 -16.96
C ASP A 131 -18.16 -2.34 -15.67
N ILE A 132 -16.85 -2.57 -15.79
CA ILE A 132 -16.01 -2.88 -14.59
C ILE A 132 -14.55 -2.53 -14.85
N ILE A 133 -13.94 -1.87 -13.87
CA ILE A 133 -12.47 -1.59 -13.82
C ILE A 133 -11.85 -2.54 -12.79
N ILE A 134 -10.81 -3.26 -13.21
CA ILE A 134 -9.94 -4.11 -12.34
C ILE A 134 -8.54 -3.50 -12.31
N SER A 135 -7.84 -3.65 -11.19
CA SER A 135 -6.49 -3.07 -11.00
C SER A 135 -5.87 -3.58 -9.71
N GLU A 136 -4.55 -3.44 -9.60
CA GLU A 136 -3.76 -3.73 -8.39
C GLU A 136 -2.94 -2.49 -8.12
N PRO A 137 -3.59 -1.44 -7.56
CA PRO A 137 -2.95 -0.17 -7.32
C PRO A 137 -2.40 0.04 -5.90
N MET A 138 -2.38 -1.01 -5.08
CA MET A 138 -2.01 -0.88 -3.65
C MET A 138 -0.49 -0.85 -3.54
N GLY A 139 0.03 0.19 -2.89
CA GLY A 139 1.45 0.23 -2.45
C GLY A 139 1.55 -0.22 -1.01
N TYR A 140 2.77 -0.21 -0.44
CA TYR A 140 2.98 -0.29 1.03
C TYR A 140 2.06 0.76 1.68
N MET A 141 1.43 0.41 2.80
CA MET A 141 0.48 1.31 3.52
C MET A 141 -0.68 1.72 2.59
N LEU A 142 -0.89 0.98 1.49
CA LEU A 142 -2.00 1.18 0.51
C LEU A 142 -1.68 2.36 -0.42
N PHE A 143 -1.36 3.53 0.13
CA PHE A 143 -1.27 4.78 -0.65
C PHE A 143 0.08 4.88 -1.38
N ASN A 144 1.17 4.27 -0.87
CA ASN A 144 2.50 4.37 -1.53
C ASN A 144 2.38 4.13 -3.05
N GLU A 145 3.22 4.81 -3.83
CA GLU A 145 3.27 4.76 -5.32
C GLU A 145 2.16 5.61 -5.99
N ARG A 146 1.05 5.92 -5.31
CA ARG A 146 -0.03 6.81 -5.85
C ARG A 146 -0.39 6.37 -7.29
N MET A 147 -0.51 5.06 -7.50
CA MET A 147 -1.18 4.47 -8.67
C MET A 147 -2.68 4.37 -8.36
N LEU A 148 -3.07 4.57 -7.11
CA LEU A 148 -4.49 4.77 -6.69
C LEU A 148 -5.09 5.97 -7.44
N GLU A 149 -4.31 7.01 -7.70
CA GLU A 149 -4.83 8.23 -8.37
C GLU A 149 -5.20 7.86 -9.81
N SER A 150 -4.43 7.00 -10.43
CA SER A 150 -4.70 6.49 -11.79
C SER A 150 -5.92 5.57 -11.78
N TYR A 151 -6.12 4.77 -10.72
CA TYR A 151 -7.31 3.89 -10.59
C TYR A 151 -8.59 4.74 -10.55
N LEU A 152 -8.57 5.84 -9.81
CA LEU A 152 -9.76 6.69 -9.61
C LEU A 152 -10.01 7.47 -10.91
N HIS A 153 -8.97 8.05 -11.50
CA HIS A 153 -9.00 8.73 -12.82
C HIS A 153 -9.68 7.85 -13.88
N ALA A 154 -9.56 6.52 -13.79
CA ALA A 154 -10.04 5.59 -14.83
C ALA A 154 -11.58 5.54 -14.82
N LYS A 155 -12.21 6.03 -13.74
CA LYS A 155 -13.68 6.01 -13.55
C LYS A 155 -14.40 6.85 -14.61
N LYS A 156 -13.69 7.78 -15.24
CA LYS A 156 -14.23 8.52 -16.40
C LYS A 156 -14.72 7.52 -17.46
N TYR A 157 -14.19 6.29 -17.50
CA TYR A 157 -14.55 5.27 -18.53
C TYR A 157 -15.64 4.31 -18.01
N LEU A 158 -16.13 4.53 -16.78
CA LEU A 158 -17.03 3.59 -16.09
C LEU A 158 -18.50 4.05 -16.24
N LYS A 159 -19.32 3.23 -16.92
CA LYS A 159 -20.79 3.27 -16.87
C LYS A 159 -21.26 3.52 -15.43
N PRO A 160 -22.39 4.26 -15.22
CA PRO A 160 -22.89 4.55 -13.87
C PRO A 160 -23.38 3.34 -13.06
N SER A 161 -23.67 2.21 -13.70
CA SER A 161 -24.01 0.93 -13.03
C SER A 161 -22.73 0.13 -12.70
N GLY A 162 -21.56 0.65 -13.06
CA GLY A 162 -20.29 -0.11 -13.11
C GLY A 162 -19.73 -0.39 -11.73
N ASN A 163 -18.94 -1.45 -11.60
CA ASN A 163 -18.24 -1.80 -10.34
C ASN A 163 -16.72 -1.53 -10.48
N MET A 164 -16.02 -1.57 -9.35
N MET A 164 -16.04 -1.53 -9.33
CA MET A 164 -14.55 -1.51 -9.31
CA MET A 164 -14.56 -1.43 -9.16
C MET A 164 -14.03 -2.66 -8.45
C MET A 164 -14.06 -2.69 -8.43
N PHE A 165 -13.01 -3.33 -8.96
CA PHE A 165 -12.36 -4.53 -8.36
C PHE A 165 -10.87 -4.23 -8.24
N PRO A 166 -10.36 -3.84 -7.05
CA PRO A 166 -11.14 -3.82 -5.81
C PRO A 166 -12.05 -2.60 -5.58
N THR A 167 -12.97 -2.74 -4.61
CA THR A 167 -14.15 -1.86 -4.42
C THR A 167 -13.88 -0.83 -3.31
N ILE A 168 -13.38 -1.28 -2.16
CA ILE A 168 -13.01 -0.43 -0.99
C ILE A 168 -11.60 -0.81 -0.51
N GLY A 169 -10.95 0.13 0.19
CA GLY A 169 -9.68 -0.09 0.90
C GLY A 169 -9.77 0.41 2.33
N ASP A 170 -9.35 -0.43 3.27
CA ASP A 170 -9.19 -0.13 4.71
C ASP A 170 -7.70 -0.11 5.04
N VAL A 171 -7.21 1.00 5.58
CA VAL A 171 -5.91 1.07 6.28
C VAL A 171 -6.15 0.87 7.77
N HIS A 172 -5.40 -0.06 8.36
CA HIS A 172 -5.39 -0.33 9.81
C HIS A 172 -4.14 0.29 10.44
N LEU A 173 -4.31 1.03 11.55
CA LEU A 173 -3.24 1.58 12.46
C LEU A 173 -3.41 0.97 13.84
N ALA A 174 -2.31 0.67 14.53
CA ALA A 174 -2.27 0.22 15.93
C ALA A 174 -0.91 0.57 16.57
N PRO A 175 -0.86 0.93 17.88
CA PRO A 175 0.39 1.21 18.55
C PRO A 175 1.11 -0.09 18.85
N PHE A 176 2.45 -0.06 18.86
CA PHE A 176 3.29 -1.26 19.11
C PHE A 176 4.41 -0.94 20.09
N THR A 177 4.92 -2.00 20.70
CA THR A 177 6.04 -2.01 21.63
C THR A 177 7.07 -2.95 21.03
N ASP A 178 8.31 -2.49 20.84
CA ASP A 178 9.40 -3.27 20.21
C ASP A 178 10.73 -2.60 20.54
N GLU A 179 11.29 -2.86 21.72
CA GLU A 179 12.51 -2.17 22.19
C GLU A 179 13.69 -2.61 21.30
N GLN A 180 13.68 -3.81 20.72
CA GLN A 180 14.75 -4.31 19.84
C GLN A 180 14.85 -3.42 18.58
N LEU A 181 13.73 -3.11 17.96
CA LEU A 181 13.68 -2.28 16.74
C LEU A 181 14.16 -0.88 17.11
N TYR A 182 13.63 -0.35 18.20
CA TYR A 182 13.93 1.02 18.71
C TYR A 182 15.44 1.19 18.86
N MET A 183 16.07 0.22 19.52
CA MET A 183 17.48 0.28 19.96
C MET A 183 18.39 0.03 18.74
N GLU A 184 17.94 -0.80 17.80
CA GLU A 184 18.62 -1.13 16.51
C GLU A 184 18.96 0.15 15.75
N GLN A 185 18.09 1.17 15.81
CA GLN A 185 18.26 2.51 15.19
C GLN A 185 19.43 3.25 15.83
N PHE A 186 19.59 3.18 17.15
CA PHE A 186 20.74 3.77 17.86
C PHE A 186 22.00 2.99 17.48
N THR A 187 21.95 1.65 17.51
CA THR A 187 23.12 0.81 17.22
C THR A 187 23.69 1.17 15.83
N LYS A 188 22.84 1.27 14.81
CA LYS A 188 23.28 1.63 13.45
C LYS A 188 24.04 2.97 13.49
N ALA A 189 23.57 3.94 14.27
CA ALA A 189 24.08 5.35 14.24
C ALA A 189 25.38 5.49 15.04
N ASN A 190 25.83 4.44 15.71
CA ASN A 190 26.91 4.53 16.73
C ASN A 190 28.27 4.42 16.02
N PHE A 191 28.27 4.08 14.73
CA PHE A 191 29.42 4.27 13.80
C PHE A 191 29.93 5.71 13.93
N TRP A 192 29.01 6.65 14.00
CA TRP A 192 29.32 8.08 14.02
C TRP A 192 29.81 8.57 15.39
N TYR A 193 30.05 7.71 16.39
CA TYR A 193 30.56 8.15 17.72
C TYR A 193 32.10 8.26 17.70
N GLN A 194 32.72 7.63 16.70
CA GLN A 194 34.19 7.46 16.60
C GLN A 194 34.85 8.83 16.67
N PRO A 195 35.62 9.10 17.76
CA PRO A 195 36.33 10.37 17.89
C PRO A 195 37.62 10.40 17.02
N SER A 196 38.12 9.24 16.57
CA SER A 196 39.28 9.17 15.64
C SER A 196 39.02 8.13 14.53
N PHE A 197 38.10 8.41 13.62
CA PHE A 197 37.99 7.65 12.36
C PHE A 197 39.07 8.19 11.41
N HIS A 198 40.24 7.55 11.38
CA HIS A 198 41.39 7.96 10.53
C HIS A 198 41.75 9.42 10.88
N GLY A 199 41.75 9.77 12.18
CA GLY A 199 42.08 11.11 12.72
C GLY A 199 40.95 12.12 12.56
N VAL A 200 39.75 11.71 12.19
CA VAL A 200 38.55 12.58 12.09
C VAL A 200 37.56 12.20 13.20
N ASP A 201 37.03 13.20 13.91
CA ASP A 201 35.99 12.99 14.95
C ASP A 201 34.63 13.07 14.27
N LEU A 202 33.90 11.95 14.22
CA LEU A 202 32.62 11.85 13.48
C LEU A 202 31.45 12.29 14.38
N SER A 203 31.66 12.37 15.70
CA SER A 203 30.62 12.33 16.78
C SER A 203 29.57 13.41 16.59
N ALA A 204 29.93 14.57 16.05
CA ALA A 204 28.98 15.69 15.86
C ALA A 204 27.87 15.30 14.85
N LEU A 205 28.01 14.17 14.15
CA LEU A 205 26.96 13.72 13.19
C LEU A 205 26.08 12.59 13.77
N ARG A 206 26.37 12.06 14.97
CA ARG A 206 25.61 10.91 15.54
C ARG A 206 24.10 11.23 15.56
N GLY A 207 23.73 12.39 16.05
CA GLY A 207 22.32 12.82 16.17
C GLY A 207 21.64 12.86 14.80
N ALA A 208 22.27 13.48 13.80
CA ALA A 208 21.71 13.57 12.45
C ALA A 208 21.47 12.16 11.89
N ALA A 209 22.36 11.20 12.21
CA ALA A 209 22.29 9.81 11.72
C ALA A 209 21.11 9.09 12.36
N VAL A 210 20.97 9.19 13.68
CA VAL A 210 19.81 8.66 14.45
C VAL A 210 18.54 9.16 13.78
N ASP A 211 18.43 10.49 13.66
N ASP A 211 18.45 10.49 13.61
CA ASP A 211 17.30 11.20 13.03
CA ASP A 211 17.28 11.22 13.05
C ASP A 211 16.92 10.53 11.72
C ASP A 211 16.91 10.64 11.67
N GLU A 212 17.90 10.28 10.86
CA GLU A 212 17.67 9.80 9.48
C GLU A 212 17.15 8.36 9.57
N TYR A 213 17.68 7.54 10.46
CA TYR A 213 17.20 6.14 10.63
C TYR A 213 15.72 6.12 11.05
N PHE A 214 15.35 6.98 12.00
CA PHE A 214 13.97 7.12 12.55
C PHE A 214 13.00 7.66 11.50
N ARG A 215 13.49 8.29 10.41
CA ARG A 215 12.63 8.86 9.32
C ARG A 215 12.28 7.80 8.27
N GLN A 216 12.82 6.61 8.40
CA GLN A 216 12.55 5.46 7.51
C GLN A 216 11.42 4.59 8.07
N PRO A 217 10.28 4.45 7.37
CA PRO A 217 9.33 3.40 7.71
C PRO A 217 9.98 2.02 7.59
N VAL A 218 9.66 1.13 8.53
CA VAL A 218 10.23 -0.24 8.59
C VAL A 218 9.25 -1.21 7.96
N VAL A 219 9.70 -1.89 6.91
CA VAL A 219 8.88 -2.86 6.14
C VAL A 219 9.36 -4.24 6.52
N ASP A 220 8.57 -4.96 7.31
CA ASP A 220 8.74 -6.40 7.65
C ASP A 220 7.47 -6.83 8.37
N THR A 221 7.40 -8.08 8.75
CA THR A 221 6.27 -8.65 9.50
C THR A 221 6.68 -8.74 10.97
N PHE A 222 5.70 -8.89 11.85
CA PHE A 222 5.90 -8.94 13.33
C PHE A 222 4.77 -9.77 13.93
N ASP A 223 4.99 -10.29 15.12
CA ASP A 223 3.99 -11.05 15.91
C ASP A 223 2.96 -10.04 16.45
N ILE A 224 1.68 -10.33 16.31
CA ILE A 224 0.56 -9.47 16.81
C ILE A 224 0.72 -9.20 18.31
N ARG A 225 1.42 -10.05 19.06
CA ARG A 225 1.61 -9.86 20.52
C ARG A 225 2.27 -8.48 20.79
N ILE A 226 2.87 -7.80 19.81
CA ILE A 226 3.56 -6.49 20.04
C ILE A 226 2.56 -5.33 19.99
N LEU A 227 1.34 -5.56 19.50
CA LEU A 227 0.31 -4.49 19.43
C LEU A 227 -0.27 -4.29 20.84
N MET A 228 -0.48 -3.03 21.21
N MET A 228 -0.47 -3.02 21.24
CA MET A 228 -0.80 -2.57 22.58
CA MET A 228 -0.84 -2.62 22.62
C MET A 228 -2.28 -2.19 22.66
C MET A 228 -2.29 -2.13 22.66
N ALA A 229 -2.96 -2.07 21.52
CA ALA A 229 -4.37 -1.64 21.39
C ALA A 229 -4.95 -2.21 20.10
N LYS A 230 -6.27 -2.34 20.03
CA LYS A 230 -7.00 -2.78 18.82
C LYS A 230 -6.80 -1.70 17.76
N SER A 231 -6.64 -2.11 16.50
CA SER A 231 -6.43 -1.17 15.39
C SER A 231 -7.63 -0.24 15.26
N VAL A 232 -7.37 0.93 14.72
CA VAL A 232 -8.32 1.88 14.12
C VAL A 232 -8.28 1.74 12.59
N LYS A 233 -9.38 2.05 11.91
CA LYS A 233 -9.59 1.83 10.46
C LYS A 233 -9.81 3.17 9.76
N TYR A 234 -9.19 3.38 8.61
CA TYR A 234 -9.56 4.47 7.67
C TYR A 234 -9.92 3.86 6.33
N THR A 235 -11.16 4.07 5.88
CA THR A 235 -11.77 3.43 4.68
C THR A 235 -11.68 4.41 3.51
N VAL A 236 -11.25 3.93 2.35
CA VAL A 236 -11.41 4.64 1.04
C VAL A 236 -12.40 3.83 0.21
N ASN A 237 -13.49 4.44 -0.21
CA ASN A 237 -14.48 3.78 -1.08
C ASN A 237 -14.15 4.17 -2.50
N PHE A 238 -13.57 3.27 -3.30
CA PHE A 238 -12.98 3.60 -4.62
C PHE A 238 -14.10 3.96 -5.60
N LEU A 239 -15.33 3.48 -5.37
CA LEU A 239 -16.52 3.81 -6.21
C LEU A 239 -16.83 5.31 -6.12
N GLU A 240 -16.78 5.89 -4.90
CA GLU A 240 -17.21 7.29 -4.61
C GLU A 240 -16.01 8.27 -4.63
N ALA A 241 -14.81 7.85 -4.21
CA ALA A 241 -13.67 8.76 -3.93
C ALA A 241 -13.14 9.37 -5.22
N LYS A 242 -12.50 10.54 -5.15
CA LYS A 242 -11.98 11.27 -6.34
C LYS A 242 -10.48 11.50 -6.16
N GLU A 243 -9.76 11.77 -7.25
CA GLU A 243 -8.28 11.90 -7.30
C GLU A 243 -7.80 12.77 -6.12
N GLY A 244 -8.43 13.93 -5.90
CA GLY A 244 -7.97 14.98 -4.98
C GLY A 244 -8.10 14.58 -3.53
N ASP A 245 -8.95 13.60 -3.24
CA ASP A 245 -9.18 13.08 -1.87
C ASP A 245 -7.87 12.54 -1.27
N LEU A 246 -6.87 12.24 -2.12
CA LEU A 246 -5.64 11.51 -1.74
C LEU A 246 -4.42 12.42 -1.68
N HIS A 247 -4.55 13.72 -1.96
CA HIS A 247 -3.42 14.68 -1.80
C HIS A 247 -3.13 14.82 -0.31
N ARG A 248 -4.16 14.76 0.52
CA ARG A 248 -4.10 14.98 1.99
C ARG A 248 -5.05 13.98 2.64
N ILE A 249 -4.52 13.02 3.38
CA ILE A 249 -5.29 11.95 4.09
C ILE A 249 -5.04 12.13 5.57
N GLU A 250 -6.10 12.28 6.35
CA GLU A 250 -5.99 12.61 7.78
C GLU A 250 -6.60 11.44 8.55
N ILE A 251 -5.84 10.84 9.47
CA ILE A 251 -6.26 9.62 10.19
C ILE A 251 -6.16 9.92 11.67
N PRO A 252 -7.24 10.42 12.29
CA PRO A 252 -7.25 10.67 13.72
C PRO A 252 -7.44 9.31 14.40
N PHE A 253 -6.90 9.14 15.59
CA PHE A 253 -6.98 7.87 16.34
C PHE A 253 -7.09 8.17 17.83
N LYS A 254 -7.90 7.36 18.48
CA LYS A 254 -8.00 7.23 19.94
C LYS A 254 -7.86 5.73 20.22
N PHE A 255 -6.74 5.32 20.84
CA PHE A 255 -6.46 3.91 21.21
C PHE A 255 -6.74 3.72 22.69
N HIS A 256 -7.50 2.67 23.01
N HIS A 256 -7.57 2.73 23.04
CA HIS A 256 -7.74 2.17 24.38
CA HIS A 256 -7.72 2.22 24.42
C HIS A 256 -6.67 1.13 24.71
C HIS A 256 -6.64 1.18 24.65
N MET A 257 -5.62 1.54 25.42
CA MET A 257 -4.43 0.69 25.68
C MET A 257 -4.86 -0.57 26.44
N LEU A 258 -4.47 -1.72 25.94
CA LEU A 258 -4.78 -3.06 26.51
C LEU A 258 -3.57 -3.60 27.27
N HIS A 259 -2.42 -2.94 27.17
CA HIS A 259 -1.15 -3.37 27.82
C HIS A 259 -0.40 -2.16 28.39
N SER A 260 0.46 -2.40 29.37
CA SER A 260 1.28 -1.37 30.06
C SER A 260 2.70 -1.52 29.56
N GLY A 261 3.29 -0.46 28.99
CA GLY A 261 4.67 -0.50 28.50
C GLY A 261 5.03 0.71 27.67
N LEU A 262 6.22 0.71 27.09
CA LEU A 262 6.62 1.74 26.11
C LEU A 262 5.95 1.44 24.76
N VAL A 263 5.31 2.46 24.22
CA VAL A 263 4.80 2.52 22.84
C VAL A 263 5.88 3.18 21.98
N HIS A 264 6.50 2.40 21.08
CA HIS A 264 7.65 2.80 20.25
C HIS A 264 7.18 3.36 18.90
N GLY A 265 5.93 3.14 18.51
CA GLY A 265 5.40 3.73 17.28
C GLY A 265 4.06 3.17 16.86
N LEU A 266 3.70 3.39 15.60
CA LEU A 266 2.44 2.90 15.00
C LEU A 266 2.76 1.86 13.92
N ALA A 267 2.02 0.74 13.91
CA ALA A 267 2.04 -0.28 12.84
C ALA A 267 0.87 -0.04 11.90
N PHE A 268 1.10 -0.27 10.60
CA PHE A 268 0.13 -0.09 9.50
C PHE A 268 0.01 -1.39 8.71
N TRP A 269 -1.20 -1.71 8.30
CA TRP A 269 -1.50 -2.69 7.24
C TRP A 269 -2.79 -2.27 6.57
N PHE A 270 -3.22 -3.02 5.55
CA PHE A 270 -4.42 -2.69 4.78
C PHE A 270 -5.12 -3.97 4.34
N ASP A 271 -6.42 -3.83 4.07
CA ASP A 271 -7.36 -4.83 3.51
C ASP A 271 -8.01 -4.16 2.29
N VAL A 272 -8.23 -4.87 1.19
CA VAL A 272 -9.14 -4.38 0.12
C VAL A 272 -10.22 -5.42 -0.04
N ALA A 273 -11.42 -4.98 -0.43
CA ALA A 273 -12.58 -5.86 -0.62
C ALA A 273 -13.01 -5.74 -2.07
N PHE A 274 -13.21 -6.90 -2.70
CA PHE A 274 -13.81 -7.02 -4.03
C PHE A 274 -15.28 -7.37 -3.81
N ILE A 275 -16.17 -6.38 -3.94
CA ILE A 275 -17.61 -6.53 -3.62
C ILE A 275 -18.35 -6.83 -4.92
N GLY A 276 -18.60 -8.11 -5.19
CA GLY A 276 -19.34 -8.55 -6.39
C GLY A 276 -20.80 -8.78 -6.05
N SER A 277 -21.58 -9.21 -7.05
CA SER A 277 -22.98 -9.74 -6.93
C SER A 277 -23.02 -10.92 -5.99
N ILE A 278 -22.19 -11.93 -6.27
CA ILE A 278 -22.31 -13.26 -5.61
C ILE A 278 -21.58 -13.19 -4.28
N MET A 279 -20.43 -12.51 -4.24
CA MET A 279 -19.50 -12.68 -3.11
C MET A 279 -18.61 -11.44 -2.92
N THR A 280 -18.36 -11.12 -1.66
CA THR A 280 -17.30 -10.16 -1.25
C THR A 280 -16.06 -10.98 -0.88
N VAL A 281 -14.96 -10.74 -1.60
CA VAL A 281 -13.63 -11.37 -1.35
C VAL A 281 -12.68 -10.31 -0.79
N TRP A 282 -11.98 -10.64 0.28
CA TRP A 282 -11.02 -9.74 0.99
C TRP A 282 -9.60 -10.16 0.63
N LEU A 283 -8.74 -9.22 0.21
CA LEU A 283 -7.27 -9.38 0.27
C LEU A 283 -6.72 -8.61 1.47
N SER A 284 -6.27 -9.33 2.50
CA SER A 284 -5.72 -8.78 3.77
C SER A 284 -4.19 -8.96 3.85
N THR A 285 -3.47 -7.90 4.24
CA THR A 285 -2.02 -7.92 4.55
C THR A 285 -1.82 -7.69 6.06
N ALA A 286 -2.79 -8.08 6.87
CA ALA A 286 -2.76 -8.05 8.34
C ALA A 286 -1.75 -9.05 8.86
N PRO A 287 -1.15 -8.77 10.03
CA PRO A 287 -0.14 -9.66 10.62
C PRO A 287 -0.68 -11.00 11.14
N THR A 288 -2.00 -11.10 11.31
CA THR A 288 -2.72 -12.36 11.64
C THR A 288 -2.87 -13.21 10.36
N GLU A 289 -2.69 -12.62 9.18
CA GLU A 289 -2.99 -13.29 7.90
C GLU A 289 -1.69 -13.78 7.30
N PRO A 290 -1.76 -14.74 6.33
CA PRO A 290 -0.58 -15.22 5.62
C PRO A 290 0.18 -14.02 5.02
N LEU A 291 1.51 -14.12 5.07
CA LEU A 291 2.44 -13.08 4.60
C LEU A 291 2.23 -12.81 3.09
N THR A 292 2.29 -11.55 2.71
CA THR A 292 2.31 -11.06 1.33
C THR A 292 3.60 -10.26 1.13
N HIS A 293 3.86 -9.80 -0.08
CA HIS A 293 5.05 -9.00 -0.40
C HIS A 293 4.82 -7.54 0.01
N TRP A 294 3.64 -7.19 0.53
CA TRP A 294 3.40 -5.84 1.13
C TRP A 294 3.90 -5.86 2.58
N TYR A 295 4.12 -7.04 3.14
CA TYR A 295 4.58 -7.20 4.55
C TYR A 295 3.63 -6.37 5.42
N GLN A 296 4.16 -5.69 6.43
CA GLN A 296 3.46 -4.61 7.18
C GLN A 296 4.48 -3.48 7.33
N VAL A 297 4.04 -2.29 7.77
CA VAL A 297 4.90 -1.08 7.87
C VAL A 297 4.83 -0.52 9.29
N ARG A 298 6.00 -0.21 9.88
CA ARG A 298 6.07 0.48 11.18
C ARG A 298 6.81 1.82 11.07
N CYS A 299 6.24 2.84 11.68
CA CYS A 299 6.85 4.17 11.87
C CYS A 299 7.15 4.38 13.34
N LEU A 300 8.44 4.49 13.68
CA LEU A 300 8.89 4.78 15.05
C LEU A 300 8.57 6.25 15.40
N PHE A 301 8.30 6.50 16.67
CA PHE A 301 8.40 7.84 17.30
C PHE A 301 9.87 8.14 17.54
N GLN A 302 10.24 9.41 17.48
CA GLN A 302 11.56 9.91 17.98
C GLN A 302 11.82 9.32 19.38
N SER A 303 10.79 9.38 20.24
CA SER A 303 10.85 9.11 21.70
C SER A 303 9.65 8.26 22.11
N PRO A 304 9.82 7.12 22.77
CA PRO A 304 8.68 6.28 23.12
C PRO A 304 7.81 6.92 24.23
N LEU A 305 6.55 6.54 24.29
CA LEU A 305 5.57 6.98 25.32
C LEU A 305 5.31 5.83 26.28
N PHE A 306 5.40 6.05 27.59
CA PHE A 306 4.87 5.10 28.60
C PHE A 306 3.35 5.23 28.67
N ALA A 307 2.64 4.12 28.50
CA ALA A 307 1.17 4.05 28.67
C ALA A 307 0.84 2.83 29.54
N LYS A 308 -0.10 2.99 30.46
CA LYS A 308 -0.63 1.86 31.30
C LYS A 308 -1.88 1.37 30.58
N ALA A 309 -2.19 0.09 30.74
CA ALA A 309 -3.50 -0.49 30.38
C ALA A 309 -4.60 0.42 30.94
N GLY A 310 -5.58 0.80 30.12
CA GLY A 310 -6.65 1.70 30.57
C GLY A 310 -6.46 3.14 30.10
N ASP A 311 -5.21 3.56 29.84
CA ASP A 311 -4.92 4.91 29.29
C ASP A 311 -5.48 5.03 27.86
N THR A 312 -5.56 6.24 27.33
CA THR A 312 -5.93 6.46 25.92
C THR A 312 -4.77 7.16 25.23
N LEU A 313 -4.38 6.65 24.07
CA LEU A 313 -3.35 7.23 23.18
C LEU A 313 -4.06 7.86 21.99
N SER A 314 -4.03 9.17 21.90
CA SER A 314 -4.80 9.96 20.91
C SER A 314 -3.84 10.82 20.09
N GLY A 315 -4.26 11.19 18.89
CA GLY A 315 -3.42 11.91 17.92
C GLY A 315 -3.89 11.70 16.50
N THR A 316 -3.02 12.02 15.56
CA THR A 316 -3.31 12.08 14.11
C THR A 316 -2.13 11.47 13.37
N CYS A 317 -2.45 10.60 12.43
CA CYS A 317 -1.58 10.31 11.28
C CYS A 317 -2.09 11.12 10.07
N LEU A 318 -1.18 11.82 9.41
CA LEU A 318 -1.43 12.70 8.25
C LEU A 318 -0.54 12.25 7.08
N LEU A 319 -1.10 11.90 5.94
CA LEU A 319 -0.31 11.61 4.71
C LEU A 319 -0.50 12.77 3.74
N ILE A 320 0.61 13.45 3.37
CA ILE A 320 0.64 14.61 2.42
C ILE A 320 1.40 14.17 1.16
N ALA A 321 0.73 14.13 0.02
CA ALA A 321 1.36 13.70 -1.26
C ALA A 321 2.41 14.76 -1.66
N ASN A 322 3.64 14.31 -1.92
CA ASN A 322 4.76 15.16 -2.42
C ASN A 322 4.95 14.90 -3.92
N LYS A 323 5.61 15.82 -4.62
CA LYS A 323 5.81 15.76 -6.10
C LYS A 323 6.91 14.75 -6.43
N ARG A 324 7.06 13.67 -5.63
CA ARG A 324 8.05 12.58 -5.84
C ARG A 324 7.31 11.22 -5.91
N GLN A 325 6.01 11.23 -6.25
CA GLN A 325 5.13 10.03 -6.41
C GLN A 325 4.98 9.29 -5.06
N SER A 326 5.16 9.98 -3.94
CA SER A 326 5.07 9.38 -2.59
C SER A 326 4.42 10.37 -1.61
N TYR A 327 4.56 10.08 -0.31
CA TYR A 327 3.86 10.78 0.81
C TYR A 327 4.85 11.12 1.90
N ASP A 328 4.73 12.33 2.44
CA ASP A 328 5.24 12.70 3.78
C ASP A 328 4.24 12.17 4.79
N ILE A 329 4.71 11.44 5.80
CA ILE A 329 3.88 10.87 6.90
C ILE A 329 4.16 11.72 8.14
N SER A 330 3.14 12.36 8.68
CA SER A 330 3.22 13.04 9.99
C SER A 330 2.48 12.17 11.01
N ILE A 331 3.10 11.87 12.13
CA ILE A 331 2.41 11.14 13.22
C ILE A 331 2.57 11.97 14.50
N VAL A 332 1.46 12.26 15.17
CA VAL A 332 1.46 12.88 16.53
C VAL A 332 0.60 12.01 17.44
N ALA A 333 1.12 11.65 18.61
CA ALA A 333 0.42 10.86 19.64
C ALA A 333 0.65 11.48 21.02
N GLN A 334 -0.32 11.34 21.90
CA GLN A 334 -0.24 11.85 23.30
C GLN A 334 -1.01 10.87 24.20
N VAL A 335 -0.40 10.49 25.32
CA VAL A 335 -1.12 9.75 26.39
C VAL A 335 -2.00 10.78 27.12
N ASP A 336 -3.33 10.67 27.02
CA ASP A 336 -4.25 11.71 27.54
C ASP A 336 -4.02 11.91 29.04
N GLN A 337 -3.75 10.82 29.78
CA GLN A 337 -3.73 10.79 31.26
C GLN A 337 -2.45 11.45 31.80
N THR A 338 -1.35 11.48 31.04
CA THR A 338 -0.04 12.06 31.47
C THR A 338 0.32 13.32 30.66
N GLY A 339 -0.23 13.48 29.44
CA GLY A 339 0.23 14.49 28.44
C GLY A 339 1.65 14.23 27.90
N SER A 340 2.25 13.08 28.17
CA SER A 340 3.50 12.63 27.48
C SER A 340 3.19 12.57 25.95
N LYS A 341 3.91 13.35 25.13
CA LYS A 341 3.63 13.39 23.66
C LYS A 341 4.91 13.11 22.88
N SER A 342 4.73 12.69 21.63
CA SER A 342 5.81 12.20 20.74
C SER A 342 5.34 12.34 19.29
N SER A 343 6.26 12.62 18.37
CA SER A 343 5.95 12.83 16.94
C SER A 343 7.04 12.22 16.08
N ASN A 344 6.81 12.22 14.77
CA ASN A 344 7.82 11.93 13.75
C ASN A 344 7.26 12.40 12.41
N LEU A 345 8.14 12.89 11.55
CA LEU A 345 7.89 13.06 10.12
C LEU A 345 8.72 11.99 9.39
N LEU A 346 8.06 11.09 8.70
CA LEU A 346 8.70 9.95 8.00
C LEU A 346 8.53 10.12 6.49
N ASP A 347 9.34 9.42 5.74
CA ASP A 347 9.52 9.60 4.29
C ASP A 347 9.29 8.23 3.66
N LEU A 348 8.11 8.00 3.09
CA LEU A 348 7.69 6.68 2.56
C LEU A 348 8.51 6.32 1.31
N LYS A 349 9.37 7.22 0.82
CA LYS A 349 10.24 7.00 -0.38
C LYS A 349 11.61 6.47 0.03
N ASN A 350 11.91 6.32 1.33
CA ASN A 350 13.20 5.77 1.79
C ASN A 350 12.93 4.64 2.80
N PRO A 351 12.03 3.68 2.49
CA PRO A 351 11.72 2.60 3.43
C PRO A 351 12.99 1.81 3.79
N PHE A 352 13.01 1.25 4.98
CA PHE A 352 13.99 0.23 5.42
C PHE A 352 13.35 -1.16 5.32
N PHE A 353 13.89 -2.02 4.46
CA PHE A 353 13.44 -3.42 4.26
C PHE A 353 14.18 -4.35 5.21
N ARG A 354 13.63 -4.54 6.41
CA ARG A 354 14.24 -5.33 7.51
C ARG A 354 14.02 -6.83 7.34
N TYR A 355 13.14 -7.31 6.44
CA TYR A 355 12.71 -8.74 6.35
C TYR A 355 13.90 -9.66 5.99
N1 I1K B . -1.36 4.24 -16.53
C7 I1K B . 2.01 -1.21 -11.40
C8 I1K B . 0.40 -3.14 -11.11
N2 I1K B . -0.31 2.09 -16.25
C9 I1K B . 1.13 -4.26 -11.82
O1 I1K B . 1.08 -7.11 -11.86
C1 I1K B . -1.14 2.96 -16.84
C5 I1K B . 1.54 0.61 -14.29
C6 I1K B . 1.62 -1.21 -12.86
N3 I1K B . 0.96 4.16 -13.64
C4 I1K B . 1.51 2.99 -13.41
C3 I1K B . 0.20 3.95 -14.78
O3 I1K B . 3.79 0.50 -15.25
C2 I1K B . 0.33 2.64 -15.21
N4 I1K B . 1.18 2.03 -14.33
C10 I1K B . 0.12 -6.46 -12.33
N7 I1K B . -0.97 -7.05 -12.86
C11 I1K B . -1.15 -8.50 -12.88
C12 I1K B . -1.54 -9.12 -11.56
C17 I1K B . -2.22 -8.38 -10.59
C16 I1K B . -2.67 -8.98 -9.43
C15 I1K B . -2.45 -10.34 -9.21
C14 I1K B . -1.77 -11.08 -10.15
C13 I1K B . -1.30 -10.47 -11.31
N6 I1K B . 0.12 -5.12 -12.42
N5 I1K B . 1.24 -2.08 -10.52
C18 I1K B . 1.92 -2.44 -9.28
C19 I1K B . 1.51 -1.49 -8.15
C20 I1K B . 1.42 -2.14 -6.78
N8 I1K B . 2.70 -2.55 -6.23
C21 I1K B . 2.87 -3.76 -5.70
N10 I1K B . 1.89 -4.59 -5.78
N9 I1K B . 4.09 -4.10 -5.16
C22 I1K B . 4.45 -5.40 -4.58
C26 I1K B . 4.00 -5.53 -3.14
C25 I1K B . 3.61 -7.01 -3.00
C24 I1K B . 2.95 -7.39 -4.17
C23 I1K B . 3.77 -6.67 -5.28
O I1K B . 0.89 0.00 -13.20
C27 I1K B . 2.94 -1.16 -13.65
O2 I1K B . 2.82 -2.10 -14.71
C28 I1K B . 3.03 0.31 -14.07
C I1K B . -0.68 4.79 -15.50
N I1K B . -0.84 6.10 -15.24
CA CA C . -7.41 -17.49 -19.89
CA CA D . 41.92 4.66 12.22
#